data_8XU0
#
_entry.id   8XU0
#
_cell.length_a   175.456
_cell.length_b   69.172
_cell.length_c   95.125
_cell.angle_alpha   90.00
_cell.angle_beta   90.00
_cell.angle_gamma   90.00
#
_symmetry.space_group_name_H-M   'P 21 21 2'
#
loop_
_entity.id
_entity.type
_entity.pdbx_description
1 polymer MarR
2 polymer MarR
3 non-polymer '2-HYDROXYBENZOIC ACID'
4 water water
#
loop_
_entity_poly.entity_id
_entity_poly.type
_entity_poly.pdbx_seq_one_letter_code
_entity_poly.pdbx_strand_id
1 'polypeptide(L)'
;MGSSHHHHHHSSGLVPRGSHMKDFEKLYEATTKLVSTSLKVKDDLKKMFKQNGYDITTDHYALLRFLWEQDGISQIDLCE
KSCKDKSNTTRILDVMKNKGLIVRKVDVKDRRKFQIFLTDLGRELEEPLNEIASIYATETFKSISDEELPLFTDILDRIG
K
;
A
2 'polypeptide(L)'
;GSHMKDFEKLYEATTKLVSTSLKVKDDLKKMFKQNGYDITTDHYALLRFLWEQDGISQIDLCEKSCKDKSNTTRILDVMK
NKGLIVRKVDVKDRRKFQIFLTDLGRELEEPLNEIASIYATETFKSISDEELPLFTDILDRIGK
;
B,C,D
#
# COMPACT_ATOMS: atom_id res chain seq x y z
N PRO A 16 32.50 15.72 22.43
CA PRO A 16 31.75 16.97 22.70
C PRO A 16 30.67 16.89 23.84
N ARG A 17 30.07 18.02 24.32
CA ARG A 17 29.34 17.95 25.62
C ARG A 17 28.39 19.11 25.99
N GLY A 18 27.75 18.92 27.14
CA GLY A 18 26.61 19.65 27.50
C GLY A 18 26.10 19.03 28.76
N SER A 19 25.23 19.78 29.37
CA SER A 19 24.69 19.49 30.68
C SER A 19 23.45 18.63 30.40
N HIS A 20 22.94 18.68 29.15
CA HIS A 20 21.76 17.83 28.78
C HIS A 20 22.03 16.81 27.62
N MET A 21 22.70 15.69 27.89
CA MET A 21 23.10 14.75 26.82
C MET A 21 21.97 13.71 26.60
N LYS A 22 21.76 13.31 25.33
CA LYS A 22 20.79 12.28 24.96
C LYS A 22 21.52 10.98 25.00
N ASP A 23 20.83 9.93 25.27
CA ASP A 23 21.41 8.61 25.29
C ASP A 23 21.80 8.14 23.84
N PHE A 24 22.98 7.58 23.70
CA PHE A 24 23.53 7.34 22.41
C PHE A 24 22.67 6.27 21.71
N GLU A 25 22.25 5.28 22.42
CA GLU A 25 21.46 4.20 21.90
C GLU A 25 20.17 4.71 21.29
N LYS A 26 19.55 5.71 21.89
CA LYS A 26 18.35 6.29 21.37
C LYS A 26 18.67 7.01 20.04
N LEU A 27 19.80 7.72 19.94
CA LEU A 27 20.12 8.41 18.74
C LEU A 27 20.43 7.39 17.63
N TYR A 28 21.00 6.29 17.98
CA TYR A 28 21.37 5.31 17.05
C TYR A 28 20.08 4.69 16.49
N GLU A 29 19.16 4.29 17.34
CA GLU A 29 17.86 3.71 16.95
C GLU A 29 17.03 4.63 16.06
N ALA A 30 17.10 5.89 16.33
CA ALA A 30 16.40 6.85 15.58
C ALA A 30 17.06 7.04 14.22
N THR A 31 18.39 7.00 14.16
CA THR A 31 19.15 7.10 12.97
C THR A 31 18.88 5.88 12.05
N THR A 32 18.81 4.71 12.61
CA THR A 32 18.40 3.52 11.96
C THR A 32 17.00 3.59 11.36
N LYS A 33 16.06 4.14 12.13
CA LYS A 33 14.71 4.21 11.73
C LYS A 33 14.71 5.20 10.55
N LEU A 34 15.41 6.30 10.67
CA LEU A 34 15.45 7.22 9.61
C LEU A 34 15.88 6.49 8.31
N VAL A 35 17.00 5.77 8.39
CA VAL A 35 17.62 5.17 7.23
C VAL A 35 16.74 4.01 6.69
N SER A 36 16.29 3.07 7.51
CA SER A 36 15.43 2.03 7.04
C SER A 36 14.16 2.56 6.39
N THR A 37 13.69 3.71 6.84
CA THR A 37 12.45 4.22 6.34
C THR A 37 12.69 4.85 4.96
N SER A 38 13.81 5.55 4.81
CA SER A 38 14.22 6.14 3.54
C SER A 38 14.31 4.99 2.47
N LEU A 39 14.93 3.89 2.85
CA LEU A 39 15.01 2.78 1.96
C LEU A 39 13.68 2.11 1.63
N LYS A 40 12.83 1.94 2.62
CA LYS A 40 11.58 1.31 2.37
C LYS A 40 10.80 2.25 1.41
N VAL A 41 10.97 3.56 1.55
CA VAL A 41 10.27 4.47 0.75
C VAL A 41 10.76 4.42 -0.70
N LYS A 42 12.08 4.30 -0.91
CA LYS A 42 12.65 4.25 -2.29
C LYS A 42 12.25 2.97 -2.98
N ASP A 43 12.24 1.87 -2.25
CA ASP A 43 11.68 0.60 -2.69
C ASP A 43 10.21 0.70 -3.10
N ASP A 44 9.32 1.06 -2.19
CA ASP A 44 7.97 1.41 -2.56
C ASP A 44 7.84 2.18 -3.91
N LEU A 45 8.65 3.20 -4.11
CA LEU A 45 8.39 4.10 -5.20
C LEU A 45 9.11 3.65 -6.46
N LYS A 46 9.86 2.55 -6.38
CA LYS A 46 10.77 2.15 -7.44
C LYS A 46 10.07 2.03 -8.75
N LYS A 47 9.05 1.22 -8.83
CA LYS A 47 8.41 1.02 -10.12
C LYS A 47 7.19 1.96 -10.42
N MET A 48 7.07 3.05 -9.70
CA MET A 48 5.80 3.70 -9.68
C MET A 48 5.42 4.22 -11.06
N PHE A 49 6.39 4.66 -11.83
CA PHE A 49 6.09 5.06 -13.18
C PHE A 49 6.15 3.82 -14.06
N LYS A 50 7.09 2.93 -13.81
CA LYS A 50 7.30 1.84 -14.75
C LYS A 50 6.08 0.92 -14.76
N GLN A 51 5.57 0.48 -13.57
CA GLN A 51 4.38 -0.37 -13.53
C GLN A 51 3.20 0.33 -14.15
N ASN A 52 3.25 1.66 -14.19
CA ASN A 52 2.12 2.42 -14.66
C ASN A 52 2.30 3.09 -16.05
N GLY A 53 3.20 2.54 -16.85
CA GLY A 53 3.19 2.85 -18.31
C GLY A 53 4.11 3.99 -18.79
N TYR A 54 5.13 4.31 -18.00
CA TYR A 54 6.11 5.37 -18.28
C TYR A 54 7.43 4.77 -17.84
N ASP A 55 8.30 4.56 -18.83
CA ASP A 55 9.63 4.02 -18.60
C ASP A 55 10.53 5.15 -18.13
N ILE A 56 10.53 5.32 -16.81
CA ILE A 56 11.10 6.49 -16.15
C ILE A 56 11.43 6.06 -14.75
N THR A 57 12.58 6.50 -14.29
CA THR A 57 13.02 6.24 -12.96
C THR A 57 12.67 7.40 -12.08
N THR A 58 12.72 7.07 -10.81
CA THR A 58 12.77 8.00 -9.72
C THR A 58 13.72 9.16 -9.87
N ASP A 59 14.92 8.89 -10.32
CA ASP A 59 15.92 9.95 -10.49
C ASP A 59 15.58 10.84 -11.68
N HIS A 60 15.29 10.19 -12.80
CA HIS A 60 14.74 10.90 -13.91
C HIS A 60 13.67 11.89 -13.42
N TYR A 61 12.79 11.41 -12.52
CA TYR A 61 11.62 12.22 -12.14
C TYR A 61 12.03 13.39 -11.29
N ALA A 62 12.88 13.18 -10.31
CA ALA A 62 13.28 14.28 -9.43
C ALA A 62 13.99 15.44 -10.15
N LEU A 63 14.77 15.10 -11.18
CA LEU A 63 15.44 16.10 -12.02
C LEU A 63 14.44 16.85 -12.88
N LEU A 64 13.54 16.11 -13.53
CA LEU A 64 12.47 16.76 -14.28
C LEU A 64 11.70 17.75 -13.38
N ARG A 65 11.53 17.48 -12.11
CA ARG A 65 10.80 18.44 -11.28
C ARG A 65 11.53 19.77 -11.27
N PHE A 66 12.85 19.72 -11.19
CA PHE A 66 13.63 20.97 -11.18
C PHE A 66 13.52 21.62 -12.56
N LEU A 67 13.58 20.81 -13.60
CA LEU A 67 13.43 21.35 -14.96
C LEU A 67 12.06 21.95 -15.17
N TRP A 68 11.01 21.28 -14.74
CA TRP A 68 9.69 21.84 -14.99
C TRP A 68 9.61 23.12 -14.23
N GLU A 69 10.23 23.23 -13.05
CA GLU A 69 10.20 24.52 -12.34
C GLU A 69 11.09 25.59 -12.98
N GLN A 70 12.15 25.21 -13.66
CA GLN A 70 13.10 26.18 -14.15
C GLN A 70 13.73 25.57 -15.36
N ASP A 71 13.08 25.73 -16.50
CA ASP A 71 13.54 25.06 -17.71
C ASP A 71 14.62 25.96 -18.22
N GLY A 72 15.75 25.39 -18.64
CA GLY A 72 16.88 26.18 -19.06
C GLY A 72 17.64 26.71 -17.87
N ILE A 73 17.93 25.83 -16.92
CA ILE A 73 18.76 26.14 -15.75
C ILE A 73 20.21 25.68 -16.06
N SER A 74 21.19 26.34 -15.41
CA SER A 74 22.61 26.01 -15.63
C SER A 74 22.97 24.72 -14.94
N GLN A 75 23.72 23.84 -15.62
CA GLN A 75 24.12 22.52 -15.07
C GLN A 75 24.94 22.63 -13.75
N ILE A 76 25.52 23.80 -13.49
CA ILE A 76 25.99 24.17 -12.16
C ILE A 76 24.80 24.18 -11.21
N ASP A 77 23.92 25.18 -11.36
CA ASP A 77 22.80 25.37 -10.43
C ASP A 77 21.98 24.10 -10.22
N LEU A 78 21.93 23.23 -11.24
CA LEU A 78 21.22 21.93 -11.19
C LEU A 78 21.97 20.96 -10.30
N CYS A 79 23.27 20.87 -10.51
CA CYS A 79 24.06 19.94 -9.74
C CYS A 79 24.05 20.37 -8.28
N GLU A 80 23.98 21.68 -8.04
CA GLU A 80 23.75 22.20 -6.67
C GLU A 80 22.30 22.00 -6.17
N LYS A 81 21.30 22.23 -7.03
CA LYS A 81 19.89 21.94 -6.69
C LYS A 81 19.76 20.50 -6.19
N SER A 82 20.39 19.58 -6.94
CA SER A 82 20.37 18.12 -6.65
C SER A 82 21.12 17.72 -5.42
N CYS A 83 21.73 18.70 -4.74
CA CYS A 83 22.81 18.50 -3.77
C CYS A 83 24.10 17.87 -4.37
N LYS A 84 23.93 16.90 -5.28
CA LYS A 84 24.78 15.71 -5.28
C LYS A 84 25.97 15.64 -6.25
N ASP A 85 26.73 14.56 -6.03
CA ASP A 85 27.74 13.99 -6.93
C ASP A 85 27.50 14.28 -8.41
N LYS A 86 28.51 14.93 -8.99
CA LYS A 86 28.36 15.64 -10.24
C LYS A 86 28.32 14.67 -11.40
N SER A 87 29.16 13.65 -11.37
CA SER A 87 29.20 12.66 -12.44
C SER A 87 27.89 11.88 -12.47
N ASN A 88 27.39 11.44 -11.31
CA ASN A 88 26.08 10.76 -11.25
C ASN A 88 24.92 11.67 -11.72
N THR A 89 24.80 12.86 -11.11
CA THR A 89 23.87 13.88 -11.59
C THR A 89 24.00 13.88 -13.13
N THR A 90 25.25 14.04 -13.59
CA THR A 90 25.59 14.09 -15.04
C THR A 90 25.31 12.78 -15.81
N ARG A 91 25.59 11.66 -15.17
CA ARG A 91 25.45 10.32 -15.76
C ARG A 91 23.98 10.04 -16.06
N ILE A 92 23.11 10.51 -15.17
CA ILE A 92 21.69 10.24 -15.34
C ILE A 92 21.19 11.23 -16.37
N LEU A 93 21.61 12.49 -16.21
CA LEU A 93 21.40 13.45 -17.30
C LEU A 93 21.63 12.77 -18.66
N ASP A 94 22.74 12.00 -18.73
CA ASP A 94 23.14 11.34 -19.98
C ASP A 94 22.06 10.39 -20.49
N VAL A 95 21.55 9.54 -19.60
CA VAL A 95 20.45 8.66 -20.00
C VAL A 95 19.23 9.52 -20.38
N MET A 96 19.03 10.62 -19.67
CA MET A 96 17.90 11.50 -19.94
C MET A 96 18.04 12.20 -21.32
N LYS A 97 19.26 12.54 -21.74
CA LYS A 97 19.52 12.86 -23.14
C LYS A 97 19.13 11.68 -24.03
N ASN A 98 19.70 10.51 -23.74
CA ASN A 98 19.48 9.35 -24.62
C ASN A 98 18.01 8.95 -24.75
N LYS A 99 17.30 8.90 -23.63
CA LYS A 99 15.85 8.65 -23.66
C LYS A 99 15.12 9.78 -24.41
N GLY A 100 15.76 10.93 -24.54
CA GLY A 100 15.16 12.01 -25.29
C GLY A 100 14.28 12.83 -24.39
N LEU A 101 14.74 13.06 -23.16
CA LEU A 101 14.01 13.85 -22.18
C LEU A 101 14.53 15.24 -22.09
N ILE A 102 15.84 15.33 -22.19
CA ILE A 102 16.48 16.61 -22.18
C ILE A 102 17.55 16.71 -23.26
N VAL A 103 18.05 17.92 -23.44
CA VAL A 103 19.27 18.18 -24.21
C VAL A 103 20.03 19.34 -23.56
N ARG A 104 21.28 19.52 -23.98
CA ARG A 104 22.16 20.63 -23.57
C ARG A 104 22.32 21.63 -24.73
N LYS A 105 22.00 22.90 -24.49
CA LYS A 105 22.46 24.01 -25.32
C LYS A 105 23.53 24.64 -24.43
N VAL A 106 24.49 25.36 -25.04
CA VAL A 106 25.63 25.94 -24.31
C VAL A 106 25.38 27.40 -23.88
N ASP A 107 25.54 27.68 -22.59
CA ASP A 107 25.18 28.96 -21.95
C ASP A 107 25.77 30.17 -22.70
N VAL A 108 24.94 31.20 -22.93
CA VAL A 108 25.39 32.43 -23.64
C VAL A 108 26.03 33.44 -22.66
N LYS A 109 26.97 32.94 -21.85
CA LYS A 109 27.81 33.73 -20.93
C LYS A 109 29.29 33.26 -21.07
N ASP A 110 29.58 32.02 -20.62
CA ASP A 110 30.90 31.39 -20.86
C ASP A 110 30.80 30.41 -22.04
N ARG A 111 31.94 29.82 -22.40
CA ARG A 111 31.99 28.74 -23.43
C ARG A 111 32.19 27.37 -22.79
N ARG A 112 32.18 27.34 -21.45
CA ARG A 112 32.37 26.12 -20.66
C ARG A 112 31.11 25.76 -19.83
N LYS A 113 30.45 26.78 -19.25
CA LYS A 113 29.13 26.64 -18.57
C LYS A 113 27.99 26.19 -19.51
N PHE A 114 27.25 25.14 -19.12
CA PHE A 114 26.13 24.60 -19.93
C PHE A 114 24.74 25.09 -19.44
N GLN A 115 23.69 24.70 -20.16
CA GLN A 115 22.27 24.94 -19.79
C GLN A 115 21.40 23.75 -20.15
N ILE A 116 20.42 23.42 -19.28
CA ILE A 116 19.55 22.24 -19.50
C ILE A 116 18.10 22.56 -19.87
N PHE A 117 17.65 21.83 -20.87
CA PHE A 117 16.41 22.17 -21.53
C PHE A 117 15.68 20.89 -21.79
N LEU A 118 14.38 20.93 -21.52
CA LEU A 118 13.49 19.80 -21.73
C LEU A 118 13.23 19.61 -23.22
N THR A 119 13.27 18.34 -23.64
CA THR A 119 12.67 17.99 -24.91
C THR A 119 11.15 18.05 -24.82
N ASP A 120 10.51 17.60 -25.89
CA ASP A 120 9.09 17.78 -26.08
C ASP A 120 8.36 16.75 -25.22
N LEU A 121 8.90 15.54 -25.18
CA LEU A 121 8.47 14.55 -24.26
C LEU A 121 8.62 15.14 -22.85
N GLY A 122 9.83 15.60 -22.55
CA GLY A 122 10.11 16.16 -21.25
C GLY A 122 9.05 17.09 -20.74
N ARG A 123 8.56 18.01 -21.57
CA ARG A 123 7.51 18.93 -21.11
C ARG A 123 6.10 18.27 -21.04
N GLU A 124 5.83 17.33 -21.94
CA GLU A 124 4.51 16.66 -22.00
C GLU A 124 4.27 15.71 -20.79
N LEU A 125 5.38 15.15 -20.30
CA LEU A 125 5.46 14.26 -19.17
C LEU A 125 5.14 14.86 -17.79
N GLU A 126 5.26 16.17 -17.62
CA GLU A 126 4.91 16.81 -16.37
C GLU A 126 3.53 16.29 -15.78
N GLU A 127 2.40 16.55 -16.46
CA GLU A 127 1.05 16.22 -15.98
C GLU A 127 0.94 14.76 -15.65
N PRO A 128 1.13 13.88 -16.63
CA PRO A 128 0.89 12.48 -16.25
C PRO A 128 1.83 11.89 -15.21
N LEU A 129 3.07 12.35 -15.12
CA LEU A 129 4.00 11.83 -14.07
C LEU A 129 3.71 12.50 -12.73
N ASN A 130 3.42 13.81 -12.71
CA ASN A 130 3.01 14.40 -11.44
C ASN A 130 1.74 13.75 -10.87
N GLU A 131 0.83 13.35 -11.76
CA GLU A 131 -0.43 12.76 -11.32
C GLU A 131 -0.19 11.47 -10.59
N ILE A 132 0.61 10.62 -11.17
CA ILE A 132 1.05 9.41 -10.49
C ILE A 132 1.77 9.62 -9.17
N ALA A 133 2.79 10.47 -9.16
CA ALA A 133 3.53 10.76 -7.94
C ALA A 133 2.69 11.31 -6.83
N SER A 134 1.74 12.13 -7.16
CA SER A 134 0.78 12.65 -6.20
C SER A 134 -0.04 11.56 -5.50
N ILE A 135 -0.44 10.57 -6.26
CA ILE A 135 -1.26 9.49 -5.77
C ILE A 135 -0.36 8.61 -4.89
N TYR A 136 0.84 8.34 -5.32
CA TYR A 136 1.81 7.63 -4.42
C TYR A 136 2.14 8.42 -3.16
N ALA A 137 2.32 9.71 -3.28
CA ALA A 137 2.66 10.49 -2.09
C ALA A 137 1.54 10.44 -1.05
N THR A 138 0.32 10.57 -1.54
CA THR A 138 -0.85 10.57 -0.71
C THR A 138 -0.97 9.26 0.06
N GLU A 139 -0.71 8.17 -0.61
CA GLU A 139 -0.73 6.87 -0.03
C GLU A 139 0.39 6.76 1.04
N THR A 140 1.57 7.23 0.68
CA THR A 140 2.78 7.15 1.47
C THR A 140 2.55 7.81 2.83
N PHE A 141 1.84 8.91 2.85
CA PHE A 141 1.62 9.71 4.02
C PHE A 141 0.20 9.64 4.50
N LYS A 142 -0.53 8.60 4.15
CA LYS A 142 -1.97 8.66 4.49
C LYS A 142 -2.27 8.50 6.02
N SER A 143 -1.38 7.85 6.80
CA SER A 143 -1.51 7.73 8.27
C SER A 143 -0.77 8.78 9.04
N ILE A 144 -0.38 9.86 8.37
CA ILE A 144 0.28 10.91 9.03
C ILE A 144 -0.63 12.09 8.91
N SER A 145 -0.66 12.93 9.94
CA SER A 145 -1.64 13.96 9.96
C SER A 145 -1.03 15.29 9.44
N ASP A 146 -1.92 16.23 9.23
CA ASP A 146 -1.61 17.53 8.71
C ASP A 146 -0.65 18.28 9.61
N GLU A 147 -0.88 18.29 10.93
CA GLU A 147 -0.03 18.98 11.91
C GLU A 147 1.32 18.30 11.95
N GLU A 148 1.35 16.97 11.81
CA GLU A 148 2.61 16.19 11.92
C GLU A 148 3.61 16.49 10.79
N LEU A 149 3.09 16.85 9.62
CA LEU A 149 3.91 16.98 8.43
C LEU A 149 5.03 18.03 8.62
N PRO A 150 4.67 19.25 8.99
CA PRO A 150 5.70 20.25 9.11
C PRO A 150 6.56 20.08 10.36
N LEU A 151 6.09 19.27 11.28
CA LEU A 151 6.84 18.92 12.47
C LEU A 151 7.93 17.98 12.00
N PHE A 152 7.53 16.89 11.31
CA PHE A 152 8.49 15.93 10.71
C PHE A 152 9.58 16.68 9.98
N THR A 153 9.10 17.53 9.12
CA THR A 153 9.95 18.26 8.21
C THR A 153 10.91 19.20 8.95
N ASP A 154 10.44 19.83 9.99
CA ASP A 154 11.28 20.70 10.74
C ASP A 154 12.35 19.87 11.52
N ILE A 155 12.00 18.68 11.98
CA ILE A 155 12.98 17.89 12.64
C ILE A 155 14.06 17.56 11.66
N LEU A 156 13.66 17.14 10.48
CA LEU A 156 14.62 16.68 9.48
C LEU A 156 15.52 17.86 9.09
N ASP A 157 14.98 19.05 8.96
CA ASP A 157 15.83 20.18 8.64
C ASP A 157 16.87 20.38 9.73
N ARG A 158 16.53 20.12 11.00
CA ARG A 158 17.42 20.49 12.06
C ARG A 158 18.51 19.40 12.27
N ILE A 159 18.24 18.19 11.83
CA ILE A 159 19.20 17.12 11.84
C ILE A 159 20.44 17.51 11.01
N GLY A 160 21.63 17.42 11.62
CA GLY A 160 22.89 17.82 10.97
C GLY A 160 23.45 19.10 11.57
N MET B 4 -3.46 22.32 2.57
CA MET B 4 -3.26 21.39 3.74
C MET B 4 -1.89 20.64 3.76
N LYS B 5 -1.90 19.41 3.22
CA LYS B 5 -0.70 18.61 2.97
C LYS B 5 -0.81 18.21 1.50
N ASP B 6 -0.59 19.22 0.67
CA ASP B 6 -0.78 19.02 -0.75
C ASP B 6 0.50 18.47 -1.30
N PHE B 7 0.44 18.14 -2.58
CA PHE B 7 1.49 17.34 -3.12
C PHE B 7 2.85 17.94 -2.93
N GLU B 8 2.92 19.26 -2.95
CA GLU B 8 4.21 19.95 -2.90
C GLU B 8 4.93 19.63 -1.58
N LYS B 9 4.16 19.66 -0.51
CA LYS B 9 4.69 19.39 0.83
C LYS B 9 5.09 17.94 0.98
N LEU B 10 4.23 17.03 0.51
CA LEU B 10 4.52 15.61 0.57
C LEU B 10 5.81 15.26 -0.22
N TYR B 11 6.01 15.94 -1.36
CA TYR B 11 7.15 15.68 -2.21
C TYR B 11 8.41 16.25 -1.50
N GLU B 12 8.30 17.41 -0.90
CA GLU B 12 9.38 18.00 -0.15
C GLU B 12 9.74 17.05 0.96
N ALA B 13 8.72 16.66 1.74
CA ALA B 13 8.94 15.74 2.84
C ALA B 13 9.70 14.53 2.40
N THR B 14 9.32 13.94 1.30
CA THR B 14 9.91 12.71 0.88
C THR B 14 11.38 12.87 0.49
N THR B 15 11.59 13.95 -0.16
CA THR B 15 12.86 14.46 -0.63
C THR B 15 13.78 14.76 0.54
N LYS B 16 13.32 15.56 1.47
CA LYS B 16 14.10 15.75 2.68
C LYS B 16 14.39 14.43 3.41
N LEU B 17 13.42 13.55 3.46
CA LEU B 17 13.68 12.35 4.24
C LEU B 17 14.87 11.60 3.54
N VAL B 18 14.81 11.48 2.23
CA VAL B 18 15.81 10.67 1.55
C VAL B 18 17.20 11.33 1.63
N SER B 19 17.23 12.62 1.44
CA SER B 19 18.48 13.29 1.45
C SER B 19 19.05 13.42 2.87
N THR B 20 18.21 13.53 3.90
CA THR B 20 18.76 13.65 5.25
C THR B 20 19.43 12.31 5.62
N SER B 21 18.77 11.25 5.25
CA SER B 21 19.26 9.90 5.41
C SER B 21 20.56 9.65 4.75
N LEU B 22 20.67 10.08 3.50
CA LEU B 22 21.92 9.96 2.78
C LEU B 22 23.08 10.79 3.37
N LYS B 23 22.79 12.00 3.76
CA LYS B 23 23.76 12.92 4.30
C LYS B 23 24.30 12.29 5.61
N VAL B 24 23.41 11.86 6.45
CA VAL B 24 23.78 11.27 7.74
C VAL B 24 24.70 10.07 7.58
N LYS B 25 24.42 9.15 6.65
CA LYS B 25 25.27 7.99 6.36
C LYS B 25 26.64 8.42 5.83
N ASP B 26 26.65 9.42 5.02
CA ASP B 26 27.81 9.87 4.35
C ASP B 26 28.68 10.72 5.30
N ASP B 27 28.10 11.62 6.09
CA ASP B 27 28.88 12.31 7.09
C ASP B 27 29.47 11.34 8.09
N LEU B 28 28.78 10.28 8.42
CA LEU B 28 29.36 9.41 9.42
C LEU B 28 30.53 8.65 8.82
N LYS B 29 30.34 8.15 7.64
CA LYS B 29 31.42 7.43 6.95
C LYS B 29 32.67 8.33 6.82
N LYS B 30 32.49 9.59 6.42
CA LYS B 30 33.58 10.56 6.38
C LYS B 30 34.26 10.72 7.74
N MET B 31 33.49 10.78 8.81
CA MET B 31 34.14 10.86 10.09
C MET B 31 34.88 9.55 10.44
N PHE B 32 34.39 8.38 10.05
CA PHE B 32 35.20 7.22 10.28
C PHE B 32 36.55 7.36 9.54
N LYS B 33 36.51 7.84 8.29
CA LYS B 33 37.69 7.88 7.41
C LYS B 33 38.66 8.92 7.90
N GLN B 34 38.17 10.04 8.36
CA GLN B 34 39.02 11.06 8.91
C GLN B 34 39.90 10.58 10.04
N ASN B 35 39.39 9.66 10.87
CA ASN B 35 40.09 9.12 12.04
C ASN B 35 40.87 7.84 11.67
N GLY B 36 40.91 7.51 10.39
CA GLY B 36 41.75 6.37 9.94
C GLY B 36 40.99 5.08 9.81
N TYR B 37 39.67 5.11 9.99
CA TYR B 37 38.93 3.81 9.90
C TYR B 37 38.25 3.85 8.55
N ASP B 38 38.64 2.91 7.66
CA ASP B 38 38.13 2.83 6.33
C ASP B 38 36.93 1.90 6.30
N ILE B 39 35.83 2.33 6.89
CA ILE B 39 34.64 1.52 6.89
C ILE B 39 33.45 2.37 6.52
N THR B 40 32.40 1.71 6.04
CA THR B 40 31.17 2.38 5.82
C THR B 40 30.24 2.20 6.99
N THR B 41 29.21 3.00 6.90
CA THR B 41 28.12 2.94 7.81
C THR B 41 27.43 1.57 7.85
N ASP B 42 27.31 0.95 6.68
CA ASP B 42 26.80 -0.41 6.57
C ASP B 42 27.66 -1.33 7.32
N HIS B 43 29.01 -1.19 7.29
CA HIS B 43 29.84 -2.10 8.06
C HIS B 43 29.62 -1.92 9.58
N TYR B 44 29.49 -0.66 10.00
CA TYR B 44 29.34 -0.30 11.42
C TYR B 44 28.01 -0.93 11.90
N ALA B 45 26.95 -0.73 11.14
CA ALA B 45 25.65 -1.35 11.55
C ALA B 45 25.73 -2.82 11.70
N LEU B 46 26.35 -3.49 10.75
CA LEU B 46 26.43 -4.95 10.89
C LEU B 46 27.32 -5.35 12.05
N LEU B 47 28.36 -4.56 12.31
CA LEU B 47 29.25 -4.89 13.38
C LEU B 47 28.45 -4.74 14.66
N ARG B 48 27.63 -3.72 14.72
CA ARG B 48 26.78 -3.51 15.95
C ARG B 48 25.98 -4.75 16.31
N PHE B 49 25.44 -5.44 15.31
CA PHE B 49 24.68 -6.67 15.58
C PHE B 49 25.62 -7.66 16.16
N LEU B 50 26.80 -7.74 15.56
CA LEU B 50 27.69 -8.80 15.98
C LEU B 50 28.32 -8.60 17.32
N TRP B 51 28.58 -7.35 17.71
CA TRP B 51 29.10 -7.08 19.04
C TRP B 51 28.08 -7.48 20.15
N GLU B 52 26.80 -7.31 19.86
CA GLU B 52 25.71 -7.82 20.72
C GLU B 52 25.69 -9.36 20.75
N GLN B 53 25.79 -10.01 19.59
CA GLN B 53 25.70 -11.45 19.49
C GLN B 53 26.65 -12.04 18.43
N ASP B 54 27.79 -12.59 18.86
CA ASP B 54 28.75 -13.20 17.96
C ASP B 54 28.15 -14.45 17.34
N GLY B 55 28.63 -14.86 16.18
CA GLY B 55 28.24 -16.15 15.62
C GLY B 55 26.80 -16.29 15.19
N ILE B 56 26.15 -15.14 14.96
CA ILE B 56 24.82 -15.08 14.36
C ILE B 56 24.93 -15.82 13.04
N SER B 57 23.89 -16.55 12.63
CA SER B 57 23.81 -17.13 11.28
C SER B 57 23.70 -16.05 10.23
N GLN B 58 24.21 -16.34 9.04
CA GLN B 58 24.04 -15.45 7.89
C GLN B 58 22.61 -15.02 7.74
N ILE B 59 21.72 -15.99 7.98
CA ILE B 59 20.33 -15.91 7.57
C ILE B 59 19.60 -14.91 8.44
N ASP B 60 19.72 -15.09 9.76
CA ASP B 60 19.17 -14.13 10.72
C ASP B 60 19.71 -12.75 10.41
N LEU B 61 21.01 -12.67 10.14
CA LEU B 61 21.69 -11.38 9.96
C LEU B 61 21.13 -10.61 8.77
N CYS B 62 20.79 -11.31 7.70
CA CYS B 62 20.06 -10.67 6.59
C CYS B 62 18.63 -10.16 6.94
N GLU B 63 18.01 -10.80 7.95
CA GLU B 63 16.67 -10.38 8.40
C GLU B 63 16.79 -9.19 9.31
N LYS B 64 17.83 -9.17 10.14
CA LYS B 64 18.11 -8.06 11.05
C LYS B 64 18.51 -6.81 10.28
N SER B 65 19.06 -7.01 9.09
CA SER B 65 19.82 -6.03 8.40
C SER B 65 19.09 -4.71 8.07
N CYS B 66 17.78 -4.74 7.85
CA CYS B 66 17.09 -3.55 7.33
C CYS B 66 17.45 -3.40 5.87
N LYS B 67 18.36 -4.26 5.42
CA LYS B 67 18.54 -4.53 4.03
C LYS B 67 18.21 -6.02 3.68
N ASP B 68 18.27 -6.26 2.36
CA ASP B 68 17.94 -7.55 1.72
C ASP B 68 19.19 -8.41 1.59
N LYS B 69 18.98 -9.65 1.13
CA LYS B 69 19.98 -10.71 1.21
C LYS B 69 21.17 -10.51 0.25
N SER B 70 20.88 -9.94 -0.90
CA SER B 70 21.92 -9.87 -1.91
C SER B 70 22.87 -8.71 -1.54
N ASN B 71 22.27 -7.58 -1.18
CA ASN B 71 23.03 -6.45 -0.69
C ASN B 71 23.72 -6.76 0.65
N THR B 72 23.04 -7.39 1.60
CA THR B 72 23.70 -7.67 2.88
C THR B 72 24.88 -8.61 2.67
N THR B 73 24.77 -9.52 1.71
CA THR B 73 25.75 -10.58 1.55
C THR B 73 27.01 -10.02 0.91
N ARG B 74 26.84 -9.16 -0.07
CA ARG B 74 27.92 -8.38 -0.67
C ARG B 74 28.66 -7.59 0.44
N ILE B 75 27.93 -6.71 1.15
CA ILE B 75 28.51 -5.95 2.27
C ILE B 75 29.29 -6.88 3.18
N LEU B 76 28.73 -8.03 3.51
CA LEU B 76 29.46 -8.93 4.37
C LEU B 76 30.76 -9.44 3.73
N ASP B 77 30.77 -9.69 2.42
CA ASP B 77 32.00 -10.14 1.74
C ASP B 77 33.08 -9.09 1.93
N VAL B 78 32.74 -7.83 1.71
CA VAL B 78 33.69 -6.75 1.86
C VAL B 78 34.29 -6.75 3.29
N MET B 79 33.44 -7.02 4.27
CA MET B 79 33.89 -6.96 5.64
C MET B 79 34.81 -8.10 5.88
N LYS B 80 34.50 -9.23 5.25
CA LYS B 80 35.34 -10.40 5.42
C LYS B 80 36.70 -10.07 4.80
N ASN B 81 36.64 -9.42 3.65
CA ASN B 81 37.86 -9.02 2.93
C ASN B 81 38.66 -8.02 3.74
N LYS B 82 37.96 -7.10 4.44
CA LYS B 82 38.68 -6.17 5.27
C LYS B 82 39.23 -6.86 6.51
N GLY B 83 38.88 -8.12 6.77
CA GLY B 83 39.43 -8.85 7.95
C GLY B 83 38.62 -8.70 9.24
N LEU B 84 37.42 -8.13 9.13
CA LEU B 84 36.57 -7.85 10.30
C LEU B 84 35.81 -9.08 10.84
N ILE B 85 35.32 -9.93 9.95
CA ILE B 85 34.61 -11.14 10.33
C ILE B 85 35.16 -12.34 9.57
N VAL B 86 34.82 -13.54 10.07
CA VAL B 86 35.00 -14.79 9.31
C VAL B 86 33.64 -15.44 9.11
N ARG B 87 33.61 -16.39 8.16
CA ARG B 87 32.41 -17.19 7.80
C ARG B 87 32.66 -18.68 8.10
N LYS B 88 31.77 -19.35 8.84
CA LYS B 88 32.00 -20.80 9.13
C LYS B 88 30.83 -21.67 8.69
N VAL B 89 31.13 -22.67 7.87
CA VAL B 89 30.40 -23.96 7.82
C VAL B 89 29.78 -24.31 9.17
N ASP B 90 28.45 -24.41 9.21
CA ASP B 90 27.72 -24.55 10.49
C ASP B 90 28.02 -25.86 11.25
N VAL B 91 27.85 -25.84 12.59
CA VAL B 91 28.05 -27.04 13.43
C VAL B 91 26.88 -28.02 13.21
N LYS B 92 25.73 -27.50 12.78
CA LYS B 92 24.57 -28.32 12.36
C LYS B 92 24.10 -27.90 10.96
N ASP B 93 24.62 -28.54 9.92
CA ASP B 93 24.25 -28.32 8.49
C ASP B 93 25.49 -28.06 7.57
N ARG B 94 25.21 -27.70 6.31
CA ARG B 94 26.20 -27.26 5.30
C ARG B 94 25.44 -26.41 4.26
N ARG B 95 26.14 -25.66 3.39
CA ARG B 95 25.50 -24.61 2.54
C ARG B 95 24.92 -23.45 3.39
N LYS B 96 25.16 -23.50 4.71
CA LYS B 96 24.64 -22.55 5.72
C LYS B 96 25.77 -22.13 6.69
N PHE B 97 26.10 -20.83 6.70
CA PHE B 97 27.23 -20.34 7.46
C PHE B 97 26.85 -19.64 8.76
N GLN B 98 27.78 -19.58 9.73
CA GLN B 98 27.74 -18.60 10.85
C GLN B 98 28.77 -17.45 10.66
N ILE B 99 28.41 -16.27 11.11
CA ILE B 99 29.31 -15.14 10.96
C ILE B 99 29.90 -14.79 12.27
N PHE B 100 31.24 -14.81 12.31
CA PHE B 100 32.02 -14.52 13.52
C PHE B 100 32.95 -13.30 13.44
N LEU B 101 33.11 -12.63 14.55
CA LEU B 101 34.08 -11.57 14.66
C LEU B 101 35.47 -12.19 14.65
N THR B 102 36.38 -11.53 13.95
CA THR B 102 37.81 -11.73 14.17
C THR B 102 38.15 -10.85 15.34
N ASP B 103 39.38 -10.97 15.84
CA ASP B 103 39.90 -10.10 16.85
C ASP B 103 39.91 -8.64 16.47
N LEU B 104 40.17 -8.39 15.20
CA LEU B 104 40.18 -7.04 14.71
C LEU B 104 38.74 -6.48 14.87
N GLY B 105 37.76 -7.29 14.44
CA GLY B 105 36.32 -6.98 14.57
C GLY B 105 35.88 -6.62 15.99
N ARG B 106 36.36 -7.36 17.01
CA ARG B 106 36.10 -7.08 18.43
C ARG B 106 36.84 -5.82 18.85
N GLU B 107 38.07 -5.64 18.42
CA GLU B 107 38.86 -4.51 18.89
C GLU B 107 38.21 -3.22 18.56
N LEU B 108 37.33 -3.20 17.57
CA LEU B 108 36.92 -1.92 16.99
C LEU B 108 35.61 -1.38 17.61
N GLU B 109 35.03 -2.13 18.55
CA GLU B 109 33.79 -1.69 19.27
C GLU B 109 33.93 -0.35 19.90
N GLU B 110 34.90 -0.24 20.78
CA GLU B 110 35.17 1.01 21.50
C GLU B 110 35.48 2.14 20.58
N PRO B 111 36.52 2.00 19.75
CA PRO B 111 36.78 3.14 18.92
C PRO B 111 35.67 3.54 17.94
N LEU B 112 35.01 2.60 17.28
CA LEU B 112 33.98 3.01 16.32
C LEU B 112 32.75 3.57 17.06
N ASN B 113 32.33 2.94 18.15
CA ASN B 113 31.20 3.51 18.93
C ASN B 113 31.51 4.86 19.49
N GLU B 114 32.78 5.14 19.78
CA GLU B 114 33.10 6.45 20.28
C GLU B 114 32.97 7.47 19.17
N ILE B 115 33.45 7.10 18.00
CA ILE B 115 33.39 8.08 16.91
C ILE B 115 31.93 8.30 16.56
N ALA B 116 31.15 7.23 16.51
CA ALA B 116 29.72 7.41 16.18
C ALA B 116 28.96 8.28 17.24
N SER B 117 29.21 8.05 18.54
CA SER B 117 28.69 8.96 19.62
C SER B 117 28.96 10.40 19.37
N ILE B 118 30.19 10.67 18.96
CA ILE B 118 30.56 12.07 18.77
C ILE B 118 29.76 12.58 17.63
N TYR B 119 29.67 11.76 16.58
CA TYR B 119 28.94 12.17 15.41
C TYR B 119 27.43 12.32 15.83
N ALA B 120 26.89 11.38 16.58
CA ALA B 120 25.45 11.47 16.95
C ALA B 120 25.11 12.80 17.76
N THR B 121 26.01 13.18 18.68
CA THR B 121 25.69 14.26 19.59
C THR B 121 25.70 15.50 18.84
N GLU B 122 26.60 15.62 17.91
CA GLU B 122 26.63 16.87 17.17
C GLU B 122 25.48 16.93 16.18
N THR B 123 25.21 15.82 15.52
CA THR B 123 24.22 15.83 14.46
C THR B 123 22.82 16.11 15.01
N PHE B 124 22.53 15.66 16.22
CA PHE B 124 21.21 15.85 16.88
C PHE B 124 21.15 16.96 17.96
N LYS B 125 22.14 17.84 17.95
CA LYS B 125 22.24 18.84 19.04
C LYS B 125 21.05 19.77 19.05
N SER B 126 20.49 20.08 17.89
CA SER B 126 19.31 20.96 17.79
C SER B 126 17.95 20.31 18.07
N ILE B 127 17.93 19.02 18.41
CA ILE B 127 16.71 18.21 18.59
C ILE B 127 16.63 17.92 20.09
N SER B 128 15.42 17.91 20.66
CA SER B 128 15.27 17.64 22.07
C SER B 128 14.98 16.22 22.25
N ASP B 129 15.33 15.71 23.42
CA ASP B 129 15.15 14.36 23.73
C ASP B 129 13.71 13.85 23.41
N GLU B 130 12.75 14.71 23.69
CA GLU B 130 11.36 14.29 23.66
C GLU B 130 10.86 14.24 22.23
N GLU B 131 11.55 14.95 21.30
CA GLU B 131 11.21 14.87 19.88
C GLU B 131 11.58 13.52 19.30
N LEU B 132 12.53 12.82 19.89
CA LEU B 132 12.92 11.57 19.31
C LEU B 132 11.81 10.56 19.09
N PRO B 133 10.92 10.30 20.07
CA PRO B 133 9.87 9.30 19.85
C PRO B 133 8.74 9.82 18.94
N LEU B 134 8.61 11.11 18.83
CA LEU B 134 7.61 11.68 17.94
C LEU B 134 8.10 11.45 16.48
N PHE B 135 9.37 11.81 16.26
CA PHE B 135 10.05 11.67 14.95
C PHE B 135 9.95 10.22 14.52
N THR B 136 10.24 9.36 15.47
CA THR B 136 10.29 7.96 15.23
C THR B 136 8.93 7.29 14.88
N ASP B 137 7.91 7.78 15.54
CA ASP B 137 6.58 7.24 15.40
C ASP B 137 6.03 7.78 14.08
N ILE B 138 6.35 9.02 13.68
CA ILE B 138 6.03 9.43 12.32
C ILE B 138 6.72 8.54 11.27
N LEU B 139 8.02 8.28 11.40
CA LEU B 139 8.74 7.49 10.43
C LEU B 139 8.12 6.17 10.34
N ASP B 140 7.78 5.63 11.50
CA ASP B 140 7.14 4.30 11.52
C ASP B 140 5.84 4.17 10.71
N ARG B 141 5.06 5.24 10.65
CA ARG B 141 3.78 5.23 10.03
C ARG B 141 3.84 5.71 8.56
N ILE B 142 5.00 6.17 8.11
CA ILE B 142 5.21 6.48 6.70
C ILE B 142 5.27 5.14 5.88
N GLY B 143 4.40 5.00 4.88
CA GLY B 143 4.45 3.82 3.93
C GLY B 143 3.97 2.42 4.30
N LYS C 5 -16.24 -31.75 -4.03
CA LYS C 5 -15.32 -30.95 -3.18
C LYS C 5 -16.07 -30.78 -1.88
N ASP C 6 -15.49 -31.15 -0.75
CA ASP C 6 -16.30 -31.12 0.46
C ASP C 6 -16.64 -29.64 0.84
N PHE C 7 -17.62 -29.53 1.71
CA PHE C 7 -18.17 -28.28 2.09
C PHE C 7 -17.11 -27.33 2.58
N GLU C 8 -16.16 -27.82 3.33
CA GLU C 8 -15.20 -26.93 3.96
C GLU C 8 -14.33 -26.22 2.99
N LYS C 9 -13.98 -26.83 1.87
CA LYS C 9 -13.18 -26.15 0.85
C LYS C 9 -14.01 -25.08 0.13
N LEU C 10 -15.27 -25.38 -0.15
CA LEU C 10 -16.14 -24.50 -0.91
C LEU C 10 -16.47 -23.33 -0.01
N TYR C 11 -16.59 -23.60 1.30
CA TYR C 11 -16.91 -22.51 2.23
C TYR C 11 -15.67 -21.57 2.33
N GLU C 12 -14.47 -22.13 2.42
CA GLU C 12 -13.27 -21.31 2.47
C GLU C 12 -13.07 -20.54 1.13
N ALA C 13 -13.44 -21.12 -0.01
CA ALA C 13 -13.33 -20.46 -1.27
C ALA C 13 -14.31 -19.29 -1.43
N THR C 14 -15.55 -19.52 -1.06
CA THR C 14 -16.59 -18.52 -1.03
C THR C 14 -16.30 -17.35 -0.08
N THR C 15 -15.87 -17.66 1.12
CA THR C 15 -15.34 -16.70 2.02
C THR C 15 -14.18 -15.88 1.44
N LYS C 16 -13.25 -16.50 0.72
CA LYS C 16 -12.16 -15.73 0.18
C LYS C 16 -12.75 -14.78 -0.87
N LEU C 17 -13.69 -15.29 -1.63
CA LEU C 17 -14.23 -14.54 -2.72
C LEU C 17 -14.85 -13.28 -2.16
N VAL C 18 -15.70 -13.43 -1.16
CA VAL C 18 -16.49 -12.36 -0.62
C VAL C 18 -15.57 -11.34 0.06
N SER C 19 -14.60 -11.81 0.84
CA SER C 19 -13.74 -10.91 1.59
C SER C 19 -12.90 -10.13 0.63
N THR C 20 -12.34 -10.80 -0.34
CA THR C 20 -11.49 -10.11 -1.31
C THR C 20 -12.26 -9.00 -2.05
N SER C 21 -13.43 -9.34 -2.42
CA SER C 21 -14.30 -8.42 -3.11
C SER C 21 -14.67 -7.19 -2.23
N LEU C 22 -14.89 -7.37 -0.95
CA LEU C 22 -15.18 -6.23 -0.09
C LEU C 22 -13.94 -5.46 0.15
N LYS C 23 -12.81 -6.14 0.30
CA LYS C 23 -11.59 -5.42 0.46
C LYS C 23 -11.19 -4.62 -0.80
N VAL C 24 -11.45 -5.14 -1.96
CA VAL C 24 -11.11 -4.36 -3.16
C VAL C 24 -12.03 -3.13 -3.26
N LYS C 25 -13.30 -3.27 -2.97
CA LYS C 25 -14.18 -2.11 -3.04
C LYS C 25 -13.75 -1.12 -2.00
N ASP C 26 -13.59 -1.56 -0.79
CA ASP C 26 -13.22 -0.61 0.26
C ASP C 26 -11.87 0.09 0.05
N ASP C 27 -10.85 -0.62 -0.41
CA ASP C 27 -9.60 0.09 -0.59
C ASP C 27 -9.76 1.14 -1.73
N LEU C 28 -10.50 0.82 -2.79
CA LEU C 28 -10.61 1.73 -3.88
C LEU C 28 -11.35 2.97 -3.40
N LYS C 29 -12.30 2.77 -2.54
CA LYS C 29 -13.07 3.89 -2.04
C LYS C 29 -12.20 4.83 -1.26
N LYS C 30 -11.37 4.28 -0.40
CA LYS C 30 -10.51 5.06 0.49
C LYS C 30 -9.45 5.77 -0.29
N MET C 31 -8.95 5.17 -1.36
CA MET C 31 -8.07 5.89 -2.27
C MET C 31 -8.72 7.07 -2.99
N PHE C 32 -9.94 6.92 -3.46
CA PHE C 32 -10.63 8.05 -4.09
C PHE C 32 -10.69 9.15 -3.03
N LYS C 33 -11.14 8.83 -1.81
CA LYS C 33 -11.41 9.86 -0.81
C LYS C 33 -10.10 10.54 -0.43
N GLN C 34 -9.04 9.75 -0.29
CA GLN C 34 -7.74 10.29 0.15
C GLN C 34 -7.15 11.17 -0.91
N ASN C 35 -7.53 10.97 -2.18
CA ASN C 35 -7.06 11.88 -3.19
C ASN C 35 -8.03 13.06 -3.45
N GLY C 36 -9.05 13.25 -2.62
CA GLY C 36 -9.97 14.37 -2.71
C GLY C 36 -11.29 14.14 -3.44
N TYR C 37 -11.71 12.89 -3.65
CA TYR C 37 -12.87 12.62 -4.45
C TYR C 37 -13.75 11.79 -3.59
N ASP C 38 -14.84 12.39 -3.12
CA ASP C 38 -15.69 11.78 -2.13
C ASP C 38 -16.68 10.89 -2.86
N ILE C 39 -16.19 9.79 -3.41
CA ILE C 39 -17.04 8.91 -4.19
C ILE C 39 -16.84 7.44 -3.87
N THR C 40 -17.92 6.67 -3.98
CA THR C 40 -17.88 5.27 -3.70
C THR C 40 -17.55 4.54 -4.97
N THR C 41 -17.44 3.26 -4.84
CA THR C 41 -17.02 2.43 -5.92
C THR C 41 -18.26 2.07 -6.72
N ASP C 42 -19.39 1.97 -6.04
CA ASP C 42 -20.68 1.97 -6.72
C ASP C 42 -20.83 3.16 -7.68
N HIS C 43 -20.49 4.37 -7.21
CA HIS C 43 -20.63 5.55 -8.03
C HIS C 43 -19.75 5.32 -9.24
N TYR C 44 -18.52 4.89 -8.95
CA TYR C 44 -17.51 4.83 -9.96
C TYR C 44 -17.90 3.83 -11.04
N ALA C 45 -18.43 2.71 -10.68
CA ALA C 45 -18.80 1.70 -11.69
C ALA C 45 -19.90 2.22 -12.65
N LEU C 46 -20.82 2.96 -12.07
CA LEU C 46 -21.91 3.56 -12.82
C LEU C 46 -21.39 4.66 -13.70
N LEU C 47 -20.50 5.47 -13.16
CA LEU C 47 -19.82 6.43 -14.02
C LEU C 47 -19.13 5.79 -15.24
N ARG C 48 -18.52 4.64 -15.05
CA ARG C 48 -17.85 3.96 -16.14
C ARG C 48 -18.78 3.62 -17.29
N PHE C 49 -20.00 3.26 -16.95
CA PHE C 49 -20.95 2.82 -17.97
C PHE C 49 -21.41 4.08 -18.74
N LEU C 50 -21.52 5.19 -18.02
CA LEU C 50 -21.91 6.49 -18.54
C LEU C 50 -20.84 7.12 -19.45
N TRP C 51 -19.57 7.15 -19.03
CA TRP C 51 -18.57 7.60 -19.94
C TRP C 51 -18.58 6.70 -21.12
N GLU C 52 -19.07 5.46 -21.04
CA GLU C 52 -19.06 4.60 -22.26
C GLU C 52 -20.21 4.97 -23.18
N GLN C 53 -21.32 5.30 -22.56
CA GLN C 53 -22.55 5.47 -23.22
C GLN C 53 -23.33 6.52 -22.46
N ASP C 54 -22.98 7.78 -22.67
CA ASP C 54 -23.69 8.83 -21.97
C ASP C 54 -25.05 8.98 -22.71
N GLY C 55 -26.14 9.20 -21.99
CA GLY C 55 -27.46 9.03 -22.54
C GLY C 55 -28.11 7.62 -22.55
N ILE C 56 -27.60 6.70 -21.76
CA ILE C 56 -28.18 5.35 -21.67
C ILE C 56 -29.56 5.41 -20.95
N SER C 57 -30.50 4.55 -21.37
CA SER C 57 -31.79 4.42 -20.60
C SER C 57 -31.54 3.82 -19.22
N GLN C 58 -32.35 4.21 -18.21
CA GLN C 58 -32.34 3.59 -16.89
C GLN C 58 -32.43 2.09 -17.01
N ILE C 59 -33.40 1.66 -17.76
CA ILE C 59 -33.59 0.23 -17.96
C ILE C 59 -32.26 -0.39 -18.41
N ASP C 60 -31.59 0.18 -19.41
CA ASP C 60 -30.34 -0.46 -19.88
C ASP C 60 -29.20 -0.40 -18.86
N LEU C 61 -29.25 0.57 -17.95
CA LEU C 61 -28.17 0.76 -17.01
C LEU C 61 -28.38 -0.22 -15.86
N CYS C 62 -29.63 -0.31 -15.41
CA CYS C 62 -30.04 -1.13 -14.29
C CYS C 62 -29.81 -2.60 -14.64
N GLU C 63 -29.88 -2.91 -15.92
CA GLU C 63 -29.63 -4.24 -16.38
C GLU C 63 -28.12 -4.47 -16.51
N LYS C 64 -27.37 -3.48 -17.00
CA LYS C 64 -25.88 -3.55 -16.97
C LYS C 64 -25.26 -3.67 -15.55
N SER C 65 -25.88 -2.98 -14.59
CA SER C 65 -25.45 -2.75 -13.24
C SER C 65 -24.86 -3.87 -12.34
N CYS C 66 -25.45 -5.05 -12.37
CA CYS C 66 -25.10 -6.18 -11.40
C CYS C 66 -25.93 -6.05 -10.14
N LYS C 67 -26.08 -4.85 -9.58
CA LYS C 67 -27.20 -4.68 -8.67
C LYS C 67 -28.53 -4.78 -9.42
N ASP C 68 -29.61 -4.88 -8.64
CA ASP C 68 -30.98 -4.88 -9.17
C ASP C 68 -31.46 -3.42 -9.40
N LYS C 69 -32.73 -3.26 -9.80
CA LYS C 69 -33.37 -1.95 -9.99
C LYS C 69 -33.42 -1.04 -8.75
N SER C 70 -34.09 -1.48 -7.69
CA SER C 70 -34.24 -0.65 -6.48
C SER C 70 -32.94 -0.07 -5.87
N ASN C 71 -31.85 -0.84 -5.94
CA ASN C 71 -30.56 -0.36 -5.38
C ASN C 71 -29.80 0.53 -6.40
N THR C 72 -29.79 0.13 -7.68
CA THR C 72 -29.15 0.88 -8.75
C THR C 72 -29.80 2.25 -8.77
N THR C 73 -31.13 2.26 -8.73
CA THR C 73 -31.93 3.51 -8.65
C THR C 73 -31.61 4.37 -7.42
N ARG C 74 -31.54 3.79 -6.23
CA ARG C 74 -31.21 4.61 -5.07
C ARG C 74 -29.82 5.27 -5.16
N ILE C 75 -28.87 4.60 -5.82
CA ILE C 75 -27.55 5.19 -5.89
C ILE C 75 -27.44 6.19 -7.05
N LEU C 76 -28.18 5.96 -8.12
CA LEU C 76 -28.44 7.04 -9.10
C LEU C 76 -28.99 8.27 -8.42
N ASP C 77 -29.94 8.12 -7.50
CA ASP C 77 -30.51 9.28 -6.79
C ASP C 77 -29.39 10.01 -6.06
N VAL C 78 -28.51 9.26 -5.46
CA VAL C 78 -27.48 9.85 -4.64
C VAL C 78 -26.44 10.56 -5.51
N MET C 79 -26.24 9.98 -6.68
CA MET C 79 -25.35 10.51 -7.72
C MET C 79 -25.91 11.81 -8.36
N LYS C 80 -27.25 11.87 -8.58
CA LYS C 80 -27.95 13.16 -8.88
C LYS C 80 -27.70 14.12 -7.75
N ASN C 81 -28.04 13.76 -6.52
CA ASN C 81 -27.85 14.73 -5.44
C ASN C 81 -26.45 15.16 -5.23
N LYS C 82 -25.48 14.43 -5.79
CA LYS C 82 -24.08 14.85 -5.68
C LYS C 82 -23.65 15.70 -6.87
N GLY C 83 -24.51 15.75 -7.88
CA GLY C 83 -24.30 16.58 -9.03
C GLY C 83 -23.40 15.92 -10.05
N LEU C 84 -23.54 14.62 -10.23
CA LEU C 84 -22.74 13.83 -11.15
C LEU C 84 -23.54 13.50 -12.36
N ILE C 85 -24.83 13.32 -12.18
CA ILE C 85 -25.68 12.97 -13.29
C ILE C 85 -27.02 13.74 -13.23
N VAL C 86 -27.73 13.76 -14.36
CA VAL C 86 -29.15 14.14 -14.32
C VAL C 86 -29.91 13.06 -15.11
N ARG C 87 -31.24 13.03 -14.88
CA ARG C 87 -32.27 12.23 -15.61
C ARG C 87 -33.09 13.06 -16.62
N LYS C 88 -33.16 12.63 -17.87
CA LYS C 88 -34.00 13.32 -18.85
C LYS C 88 -35.12 12.38 -19.17
N VAL C 89 -36.37 12.82 -19.04
CA VAL C 89 -37.48 11.99 -19.51
C VAL C 89 -37.18 11.63 -20.96
N ASP C 90 -37.59 10.43 -21.37
CA ASP C 90 -37.28 9.95 -22.71
C ASP C 90 -38.28 10.60 -23.70
N VAL C 91 -37.76 11.37 -24.68
CA VAL C 91 -38.57 12.06 -25.73
C VAL C 91 -39.50 11.05 -26.40
N LYS C 92 -39.01 9.81 -26.52
CA LYS C 92 -39.80 8.63 -26.91
C LYS C 92 -40.03 7.71 -25.68
N ASP C 93 -41.14 7.94 -24.94
CA ASP C 93 -41.67 7.11 -23.77
C ASP C 93 -41.77 7.91 -22.44
N ARG C 94 -42.90 7.77 -21.74
CA ARG C 94 -43.25 8.59 -20.55
C ARG C 94 -42.79 8.00 -19.23
N ARG C 95 -42.82 6.67 -19.13
CA ARG C 95 -42.33 5.98 -17.93
C ARG C 95 -40.80 5.86 -17.92
N LYS C 96 -40.20 5.78 -19.12
CA LYS C 96 -38.76 5.60 -19.27
C LYS C 96 -37.94 6.87 -19.11
N PHE C 97 -36.72 6.75 -18.57
CA PHE C 97 -35.73 7.84 -18.61
C PHE C 97 -34.39 7.53 -19.29
N GLN C 98 -33.66 8.62 -19.53
CA GLN C 98 -32.30 8.61 -20.05
C GLN C 98 -31.35 9.20 -18.97
N ILE C 99 -30.14 8.63 -18.79
CA ILE C 99 -29.22 9.12 -17.73
C ILE C 99 -28.04 9.84 -18.36
N PHE C 100 -27.79 11.07 -17.91
CA PHE C 100 -26.77 11.88 -18.61
C PHE C 100 -25.81 12.41 -17.60
N LEU C 101 -24.54 12.46 -17.97
CA LEU C 101 -23.56 13.13 -17.13
C LEU C 101 -23.67 14.65 -17.07
N THR C 102 -23.45 15.19 -15.84
CA THR C 102 -23.12 16.55 -15.68
C THR C 102 -21.67 16.85 -16.12
N ASP C 103 -21.24 18.11 -16.04
CA ASP C 103 -19.93 18.50 -16.43
C ASP C 103 -18.88 17.84 -15.49
N LEU C 104 -19.10 17.96 -14.17
CA LEU C 104 -18.38 17.21 -13.10
C LEU C 104 -18.29 15.71 -13.45
N GLY C 105 -19.42 15.10 -13.72
CA GLY C 105 -19.48 13.74 -14.20
C GLY C 105 -18.53 13.40 -15.28
N ARG C 106 -18.51 14.23 -16.33
CA ARG C 106 -17.56 14.08 -17.42
C ARG C 106 -16.10 14.38 -16.99
N GLU C 107 -15.90 15.35 -16.15
CA GLU C 107 -14.53 15.79 -15.90
C GLU C 107 -13.78 14.79 -14.98
N LEU C 108 -14.56 14.03 -14.23
CA LEU C 108 -14.10 13.00 -13.37
C LEU C 108 -13.51 11.80 -14.10
N GLU C 109 -13.69 11.70 -15.42
CA GLU C 109 -13.25 10.50 -16.08
C GLU C 109 -11.73 10.22 -15.93
N GLU C 110 -10.92 11.19 -16.32
CA GLU C 110 -9.50 11.06 -16.33
C GLU C 110 -8.93 10.79 -14.89
N PRO C 111 -9.25 11.64 -13.90
CA PRO C 111 -8.61 11.50 -12.60
C PRO C 111 -9.11 10.28 -11.83
N LEU C 112 -10.42 10.03 -11.86
CA LEU C 112 -10.89 8.77 -11.35
C LEU C 112 -10.25 7.54 -12.04
N ASN C 113 -10.18 7.49 -13.37
CA ASN C 113 -9.55 6.37 -13.97
C ASN C 113 -8.05 6.28 -13.66
N GLU C 114 -7.39 7.39 -13.36
CA GLU C 114 -5.97 7.40 -13.16
C GLU C 114 -5.76 6.67 -11.84
N ILE C 115 -6.53 7.07 -10.83
CA ILE C 115 -6.48 6.47 -9.53
C ILE C 115 -6.86 5.03 -9.56
N ALA C 116 -7.92 4.63 -10.27
CA ALA C 116 -8.29 3.18 -10.27
C ALA C 116 -7.34 2.32 -11.07
N SER C 117 -6.81 2.88 -12.10
CA SER C 117 -5.82 2.21 -12.87
C SER C 117 -4.53 1.96 -12.04
N ILE C 118 -4.07 2.92 -11.22
CA ILE C 118 -2.84 2.73 -10.50
C ILE C 118 -3.17 1.71 -9.37
N TYR C 119 -4.36 1.83 -8.79
CA TYR C 119 -4.86 0.91 -7.84
C TYR C 119 -4.86 -0.50 -8.45
N ALA C 120 -5.46 -0.65 -9.60
CA ALA C 120 -5.56 -1.99 -10.22
C ALA C 120 -4.22 -2.63 -10.56
N THR C 121 -3.31 -1.86 -11.14
CA THR C 121 -1.98 -2.35 -11.41
C THR C 121 -1.23 -2.89 -10.13
N GLU C 122 -1.24 -2.17 -8.99
CA GLU C 122 -0.75 -2.63 -7.71
C GLU C 122 -1.47 -3.90 -7.24
N THR C 123 -2.78 -3.82 -7.11
CA THR C 123 -3.57 -4.96 -6.65
C THR C 123 -3.30 -6.27 -7.40
N PHE C 124 -2.98 -6.15 -8.67
CA PHE C 124 -2.75 -7.28 -9.52
C PHE C 124 -1.26 -7.50 -9.95
N LYS C 125 -0.32 -6.82 -9.31
CA LYS C 125 1.10 -6.92 -9.70
C LYS C 125 1.70 -8.32 -9.51
N SER C 126 1.43 -8.96 -8.37
CA SER C 126 1.77 -10.38 -8.12
C SER C 126 0.98 -11.37 -8.99
N ILE C 127 0.20 -10.95 -9.98
CA ILE C 127 -0.62 -11.93 -10.77
C ILE C 127 -0.16 -11.91 -12.21
N SER C 128 0.08 -13.08 -12.78
CA SER C 128 0.65 -13.20 -14.13
C SER C 128 -0.44 -12.85 -15.13
N ASP C 129 -0.04 -12.49 -16.35
CA ASP C 129 -0.99 -12.25 -17.43
C ASP C 129 -1.65 -13.49 -17.88
N GLU C 130 -1.06 -14.65 -17.56
CA GLU C 130 -1.59 -15.96 -18.00
C GLU C 130 -2.68 -16.46 -17.01
N GLU C 131 -2.39 -16.35 -15.71
CA GLU C 131 -3.38 -16.60 -14.63
C GLU C 131 -4.70 -15.81 -14.80
N LEU C 132 -4.59 -14.53 -15.15
CA LEU C 132 -5.79 -13.67 -15.20
C LEU C 132 -6.96 -14.29 -15.97
N PRO C 133 -6.76 -14.79 -17.20
CA PRO C 133 -7.98 -15.31 -17.83
C PRO C 133 -8.43 -16.69 -17.27
N LEU C 134 -7.55 -17.39 -16.57
CA LEU C 134 -7.99 -18.59 -15.81
C LEU C 134 -8.99 -18.15 -14.71
N PHE C 135 -8.57 -17.11 -13.97
CA PHE C 135 -9.33 -16.53 -12.83
C PHE C 135 -10.69 -16.10 -13.26
N THR C 136 -10.75 -15.30 -14.27
CA THR C 136 -12.01 -14.85 -14.82
C THR C 136 -12.88 -15.95 -15.33
N ASP C 137 -12.30 -16.99 -15.89
CA ASP C 137 -13.18 -18.00 -16.47
C ASP C 137 -13.73 -18.90 -15.35
N ILE C 138 -12.97 -19.07 -14.30
CA ILE C 138 -13.55 -19.67 -13.08
C ILE C 138 -14.73 -18.78 -12.54
N LEU C 139 -14.53 -17.46 -12.51
CA LEU C 139 -15.63 -16.60 -11.99
C LEU C 139 -16.88 -16.71 -12.82
N ASP C 140 -16.71 -16.76 -14.15
CA ASP C 140 -17.82 -16.90 -15.14
C ASP C 140 -18.59 -18.21 -14.92
N ARG C 141 -17.91 -19.26 -14.51
CA ARG C 141 -18.62 -20.54 -14.26
C ARG C 141 -19.30 -20.67 -12.88
N ILE C 142 -19.17 -19.68 -11.99
CA ILE C 142 -19.87 -19.72 -10.72
C ILE C 142 -21.33 -19.26 -10.79
N GLY C 143 -22.19 -20.05 -10.14
CA GLY C 143 -23.63 -19.82 -10.07
C GLY C 143 -24.38 -20.75 -11.00
N LYS D 5 -1.02 -5.39 -16.55
CA LYS D 5 -1.56 -6.03 -17.79
C LYS D 5 -2.09 -4.99 -18.82
N ASP D 6 -3.27 -4.43 -18.53
CA ASP D 6 -3.98 -3.47 -19.39
C ASP D 6 -5.27 -3.08 -18.63
N PHE D 7 -5.51 -1.78 -18.49
CA PHE D 7 -6.48 -1.34 -17.54
C PHE D 7 -7.81 -2.00 -17.83
N GLU D 8 -8.20 -2.08 -19.09
CA GLU D 8 -9.49 -2.65 -19.36
C GLU D 8 -9.61 -4.10 -18.84
N LYS D 9 -8.54 -4.86 -18.90
CA LYS D 9 -8.66 -6.27 -18.49
C LYS D 9 -8.77 -6.35 -16.94
N LEU D 10 -7.95 -5.58 -16.24
CA LEU D 10 -8.02 -5.53 -14.80
C LEU D 10 -9.40 -5.14 -14.37
N TYR D 11 -10.02 -4.18 -15.08
CA TYR D 11 -11.26 -3.62 -14.60
C TYR D 11 -12.34 -4.61 -14.77
N GLU D 12 -12.33 -5.29 -15.90
CA GLU D 12 -13.29 -6.34 -16.19
C GLU D 12 -13.14 -7.48 -15.15
N ALA D 13 -11.92 -7.87 -14.88
CA ALA D 13 -11.71 -8.94 -13.91
C ALA D 13 -12.25 -8.52 -12.53
N THR D 14 -11.94 -7.28 -12.12
CA THR D 14 -12.42 -6.77 -10.83
C THR D 14 -13.90 -6.73 -10.75
N THR D 15 -14.49 -6.29 -11.84
CA THR D 15 -15.95 -6.21 -11.89
C THR D 15 -16.60 -7.58 -11.76
N LYS D 16 -16.04 -8.54 -12.49
CA LYS D 16 -16.51 -9.89 -12.40
C LYS D 16 -16.34 -10.43 -10.93
N LEU D 17 -15.21 -10.16 -10.27
CA LEU D 17 -15.05 -10.55 -8.88
C LEU D 17 -16.21 -10.05 -8.00
N VAL D 18 -16.45 -8.76 -8.07
CA VAL D 18 -17.50 -8.12 -7.26
C VAL D 18 -18.86 -8.60 -7.68
N SER D 19 -19.15 -8.70 -8.95
CA SER D 19 -20.50 -9.19 -9.29
C SER D 19 -20.70 -10.64 -8.90
N THR D 20 -19.70 -11.45 -9.04
CA THR D 20 -19.85 -12.84 -8.64
C THR D 20 -20.05 -13.02 -7.12
N SER D 21 -19.32 -12.22 -6.41
CA SER D 21 -19.44 -12.21 -5.00
C SER D 21 -20.84 -11.82 -4.56
N LEU D 22 -21.40 -10.82 -5.20
CA LEU D 22 -22.79 -10.45 -4.90
C LEU D 22 -23.80 -11.50 -5.24
N LYS D 23 -23.64 -12.13 -6.40
CA LYS D 23 -24.60 -13.13 -6.84
C LYS D 23 -24.55 -14.30 -5.84
N VAL D 24 -23.33 -14.69 -5.50
CA VAL D 24 -23.17 -15.78 -4.55
C VAL D 24 -23.87 -15.49 -3.24
N LYS D 25 -23.66 -14.29 -2.66
CA LYS D 25 -24.31 -13.93 -1.39
C LYS D 25 -25.81 -13.93 -1.53
N ASP D 26 -26.29 -13.24 -2.55
CA ASP D 26 -27.70 -13.11 -2.78
C ASP D 26 -28.40 -14.43 -3.06
N ASP D 27 -27.83 -15.27 -3.91
CA ASP D 27 -28.49 -16.56 -4.12
C ASP D 27 -28.53 -17.40 -2.87
N LEU D 28 -27.52 -17.28 -1.99
CA LEU D 28 -27.58 -18.11 -0.77
C LEU D 28 -28.71 -17.59 0.07
N LYS D 29 -28.93 -16.30 0.00
CA LYS D 29 -29.97 -15.76 0.83
C LYS D 29 -31.34 -16.24 0.35
N LYS D 30 -31.51 -16.32 -0.97
CA LYS D 30 -32.77 -16.82 -1.51
C LYS D 30 -32.98 -18.30 -1.17
N MET D 31 -31.92 -19.10 -1.16
CA MET D 31 -32.07 -20.46 -0.77
C MET D 31 -32.50 -20.48 0.68
N PHE D 32 -31.93 -19.64 1.54
CA PHE D 32 -32.40 -19.67 2.94
C PHE D 32 -33.90 -19.35 3.02
N LYS D 33 -34.35 -18.32 2.30
CA LYS D 33 -35.72 -17.86 2.31
C LYS D 33 -36.65 -18.92 1.71
N GLN D 34 -36.30 -19.56 0.60
CA GLN D 34 -37.08 -20.66 0.05
C GLN D 34 -37.21 -21.87 0.97
N ASN D 35 -36.27 -22.16 1.85
CA ASN D 35 -36.49 -23.21 2.90
C ASN D 35 -37.12 -22.64 4.13
N GLY D 36 -37.54 -21.39 4.05
CA GLY D 36 -38.38 -20.79 5.13
C GLY D 36 -37.64 -20.11 6.31
N TYR D 37 -36.35 -19.83 6.15
CA TYR D 37 -35.57 -19.15 7.19
C TYR D 37 -35.42 -17.75 6.74
N ASP D 38 -35.82 -16.76 7.54
CA ASP D 38 -35.56 -15.38 7.15
C ASP D 38 -34.24 -14.82 7.72
N ILE D 39 -33.16 -15.44 7.29
CA ILE D 39 -31.85 -15.03 7.71
C ILE D 39 -31.05 -14.73 6.45
N THR D 40 -30.15 -13.75 6.52
CA THR D 40 -29.26 -13.42 5.40
C THR D 40 -27.93 -14.14 5.50
N THR D 41 -27.13 -13.99 4.45
CA THR D 41 -25.80 -14.49 4.44
C THR D 41 -24.90 -13.88 5.52
N ASP D 42 -25.11 -12.62 5.86
CA ASP D 42 -24.31 -12.01 6.95
C ASP D 42 -24.59 -12.70 8.28
N HIS D 43 -25.86 -12.97 8.56
CA HIS D 43 -26.23 -13.67 9.74
C HIS D 43 -25.56 -15.01 9.76
N TYR D 44 -25.52 -15.66 8.59
CA TYR D 44 -25.03 -17.03 8.50
C TYR D 44 -23.55 -16.99 8.80
N ALA D 45 -22.88 -16.08 8.14
CA ALA D 45 -21.45 -15.84 8.36
C ALA D 45 -21.09 -15.59 9.81
N LEU D 46 -21.85 -14.74 10.52
CA LEU D 46 -21.48 -14.47 11.89
C LEU D 46 -21.78 -15.66 12.78
N LEU D 47 -22.89 -16.34 12.50
CA LEU D 47 -23.24 -17.53 13.27
C LEU D 47 -22.14 -18.58 13.11
N ARG D 48 -21.55 -18.73 11.92
CA ARG D 48 -20.39 -19.70 11.78
C ARG D 48 -19.17 -19.41 12.70
N PHE D 49 -18.84 -18.14 12.84
CA PHE D 49 -17.80 -17.78 13.84
C PHE D 49 -18.27 -18.21 15.19
N LEU D 50 -19.53 -17.99 15.50
CA LEU D 50 -19.95 -18.33 16.85
C LEU D 50 -20.07 -19.83 17.13
N TRP D 51 -20.40 -20.62 16.10
CA TRP D 51 -20.44 -22.07 16.25
C TRP D 51 -19.02 -22.61 16.47
N GLU D 52 -18.04 -21.96 15.87
CA GLU D 52 -16.63 -22.25 16.21
C GLU D 52 -16.32 -21.87 17.65
N GLN D 53 -16.50 -20.59 18.01
CA GLN D 53 -16.23 -20.11 19.36
C GLN D 53 -17.30 -19.13 19.87
N ASP D 54 -18.04 -19.59 20.85
CA ASP D 54 -19.08 -18.83 21.53
C ASP D 54 -18.45 -17.77 22.44
N GLY D 55 -19.15 -16.70 22.75
CA GLY D 55 -18.66 -15.78 23.76
C GLY D 55 -17.62 -14.76 23.28
N ILE D 56 -17.46 -14.62 21.98
CA ILE D 56 -16.49 -13.75 21.38
C ILE D 56 -16.96 -12.36 21.73
N SER D 57 -16.06 -11.41 21.88
CA SER D 57 -16.42 -10.02 22.14
C SER D 57 -16.89 -9.41 20.85
N GLN D 58 -17.72 -8.39 20.96
CA GLN D 58 -18.31 -7.81 19.82
C GLN D 58 -17.28 -7.20 18.95
N ILE D 59 -16.25 -6.66 19.56
CA ILE D 59 -15.24 -5.95 18.76
C ILE D 59 -14.33 -6.97 17.96
N ASP D 60 -14.00 -8.09 18.56
CA ASP D 60 -13.37 -9.20 17.88
C ASP D 60 -14.17 -9.64 16.68
N LEU D 61 -15.49 -9.69 16.83
CA LEU D 61 -16.30 -10.10 15.76
C LEU D 61 -16.34 -9.07 14.71
N CYS D 62 -16.38 -7.80 15.05
CA CYS D 62 -16.19 -6.80 14.03
C CYS D 62 -14.85 -7.06 13.28
N GLU D 63 -13.80 -7.49 13.99
CA GLU D 63 -12.47 -7.71 13.40
C GLU D 63 -12.34 -8.95 12.51
N LYS D 64 -12.94 -10.07 12.94
CA LYS D 64 -13.09 -11.25 12.08
C LYS D 64 -13.95 -11.00 10.83
N SER D 65 -15.02 -10.27 11.04
CA SER D 65 -15.95 -9.95 10.01
C SER D 65 -15.23 -9.14 8.95
N CYS D 66 -15.29 -9.69 7.74
CA CYS D 66 -14.80 -8.96 6.60
C CYS D 66 -15.66 -7.71 6.45
N LYS D 67 -16.59 -7.45 7.36
CA LYS D 67 -17.23 -6.12 7.38
C LYS D 67 -16.67 -5.20 8.51
N ASP D 68 -17.10 -3.94 8.45
CA ASP D 68 -16.65 -2.84 9.29
C ASP D 68 -17.56 -2.69 10.51
N LYS D 69 -16.98 -2.08 11.54
CA LYS D 69 -17.60 -1.96 12.85
C LYS D 69 -19.08 -1.52 12.81
N SER D 70 -19.41 -0.49 12.04
CA SER D 70 -20.77 0.04 12.16
C SER D 70 -21.79 -0.96 11.63
N ASN D 71 -21.49 -1.55 10.48
CA ASN D 71 -22.42 -2.47 9.82
C ASN D 71 -22.52 -3.82 10.56
N THR D 72 -21.38 -4.35 10.93
CA THR D 72 -21.38 -5.54 11.71
C THR D 72 -22.24 -5.34 12.95
N THR D 73 -22.03 -4.23 13.66
CA THR D 73 -22.80 -3.95 14.89
C THR D 73 -24.29 -3.92 14.61
N ARG D 74 -24.71 -3.29 13.52
CA ARG D 74 -26.16 -3.34 13.14
C ARG D 74 -26.67 -4.75 12.73
N ILE D 75 -25.83 -5.55 12.10
CA ILE D 75 -26.19 -6.93 11.78
C ILE D 75 -26.36 -7.69 13.05
N LEU D 76 -25.41 -7.54 13.97
CA LEU D 76 -25.59 -8.13 15.26
C LEU D 76 -26.91 -7.73 15.91
N ASP D 77 -27.45 -6.56 15.62
CA ASP D 77 -28.64 -6.14 16.35
C ASP D 77 -29.83 -6.85 15.77
N VAL D 78 -29.88 -6.95 14.45
CA VAL D 78 -30.85 -7.82 13.79
C VAL D 78 -30.78 -9.24 14.35
N MET D 79 -29.59 -9.79 14.47
CA MET D 79 -29.50 -11.13 15.03
C MET D 79 -30.08 -11.23 16.43
N LYS D 80 -29.88 -10.20 17.26
CA LYS D 80 -30.36 -10.22 18.64
C LYS D 80 -31.88 -10.13 18.65
N ASN D 81 -32.42 -9.29 17.78
CA ASN D 81 -33.85 -9.20 17.58
C ASN D 81 -34.50 -10.53 17.24
N LYS D 82 -33.86 -11.27 16.33
CA LYS D 82 -34.30 -12.58 15.91
C LYS D 82 -34.02 -13.68 16.91
N GLY D 83 -33.45 -13.39 18.05
CA GLY D 83 -33.33 -14.49 19.04
C GLY D 83 -32.11 -15.39 18.83
N LEU D 84 -31.25 -15.02 17.90
CA LEU D 84 -30.05 -15.89 17.61
C LEU D 84 -28.96 -15.73 18.60
N ILE D 85 -28.79 -14.52 19.16
CA ILE D 85 -27.72 -14.24 20.12
C ILE D 85 -28.21 -13.27 21.18
N VAL D 86 -27.51 -13.21 22.29
CA VAL D 86 -27.63 -12.11 23.24
C VAL D 86 -26.22 -11.38 23.41
N ARG D 87 -26.21 -10.08 23.75
CA ARG D 87 -24.99 -9.41 24.32
C ARG D 87 -24.98 -9.35 25.83
N LYS D 88 -23.91 -9.81 26.45
CA LYS D 88 -23.75 -9.61 27.88
C LYS D 88 -22.54 -8.66 28.10
N VAL D 89 -22.69 -7.70 29.00
CA VAL D 89 -21.55 -6.86 29.40
C VAL D 89 -20.49 -7.73 30.05
N ASP D 90 -19.26 -7.55 29.62
CA ASP D 90 -18.15 -8.30 30.20
C ASP D 90 -17.90 -7.72 31.61
N VAL D 91 -17.94 -8.57 32.62
CA VAL D 91 -17.90 -8.05 33.99
C VAL D 91 -16.51 -7.56 34.31
N LYS D 92 -15.52 -8.28 33.79
CA LYS D 92 -14.15 -7.99 34.09
C LYS D 92 -13.66 -6.91 33.11
N ASP D 93 -14.35 -6.66 32.02
CA ASP D 93 -13.92 -5.57 31.16
C ASP D 93 -15.11 -4.88 30.61
N ARG D 94 -15.50 -3.80 31.31
CA ARG D 94 -16.80 -3.22 31.09
C ARG D 94 -16.81 -2.56 29.81
N ARG D 95 -15.70 -2.47 29.08
CA ARG D 95 -15.85 -1.78 27.77
C ARG D 95 -16.42 -2.73 26.67
N LYS D 96 -16.43 -4.00 26.94
CA LYS D 96 -16.75 -5.03 25.96
C LYS D 96 -18.11 -5.69 26.18
N PHE D 97 -18.80 -5.99 25.08
CA PHE D 97 -19.86 -6.97 25.05
C PHE D 97 -19.37 -8.32 24.56
N GLN D 98 -19.81 -9.39 25.21
CA GLN D 98 -19.59 -10.74 24.72
C GLN D 98 -20.87 -11.22 23.98
N ILE D 99 -20.70 -11.75 22.78
CA ILE D 99 -21.81 -12.29 22.01
C ILE D 99 -21.93 -13.75 22.30
N PHE D 100 -23.06 -14.16 22.88
CA PHE D 100 -23.34 -15.60 23.13
C PHE D 100 -24.48 -16.11 22.23
N LEU D 101 -24.33 -17.29 21.68
CA LEU D 101 -25.49 -18.01 21.01
C LEU D 101 -26.67 -18.24 21.98
N THR D 102 -27.90 -18.00 21.58
CA THR D 102 -29.00 -18.57 22.35
C THR D 102 -29.13 -20.06 21.99
N ASP D 103 -30.11 -20.76 22.60
CA ASP D 103 -30.41 -22.18 22.25
C ASP D 103 -30.81 -22.24 20.79
N LEU D 104 -31.61 -21.28 20.35
CA LEU D 104 -31.97 -21.13 19.02
C LEU D 104 -30.78 -21.00 18.12
N GLY D 105 -29.84 -20.10 18.43
CA GLY D 105 -28.67 -19.88 17.57
C GLY D 105 -27.80 -21.13 17.47
N ARG D 106 -27.66 -21.85 18.55
CA ARG D 106 -26.90 -23.11 18.58
C ARG D 106 -27.57 -24.23 17.72
N GLU D 107 -28.85 -24.31 17.85
CA GLU D 107 -29.63 -25.36 17.21
C GLU D 107 -29.58 -25.29 15.67
N LEU D 108 -29.42 -24.10 15.15
CA LEU D 108 -29.55 -23.86 13.71
C LEU D 108 -28.31 -24.23 12.94
N GLU D 109 -27.29 -24.75 13.62
CA GLU D 109 -26.04 -25.06 12.94
C GLU D 109 -26.25 -26.10 11.88
N GLU D 110 -26.80 -27.23 12.31
CA GLU D 110 -26.95 -28.36 11.38
C GLU D 110 -27.88 -27.99 10.18
N PRO D 111 -29.08 -27.50 10.40
CA PRO D 111 -29.84 -27.20 9.16
C PRO D 111 -29.31 -26.11 8.29
N LEU D 112 -28.69 -25.08 8.88
CA LEU D 112 -28.27 -23.98 8.01
C LEU D 112 -27.02 -24.44 7.25
N ASN D 113 -26.14 -25.19 7.89
CA ASN D 113 -24.96 -25.71 7.18
C ASN D 113 -25.36 -26.67 6.07
N GLU D 114 -26.43 -27.39 6.30
CA GLU D 114 -26.88 -28.38 5.35
C GLU D 114 -27.35 -27.61 4.17
N ILE D 115 -28.14 -26.58 4.36
CA ILE D 115 -28.63 -25.82 3.17
C ILE D 115 -27.50 -25.11 2.47
N ALA D 116 -26.52 -24.60 3.23
CA ALA D 116 -25.42 -23.85 2.60
C ALA D 116 -24.57 -24.82 1.83
N SER D 117 -24.36 -26.00 2.39
CA SER D 117 -23.60 -27.04 1.67
C SER D 117 -24.28 -27.56 0.37
N ILE D 118 -25.58 -27.76 0.36
CA ILE D 118 -26.26 -28.01 -0.91
C ILE D 118 -26.09 -26.82 -1.82
N TYR D 119 -26.27 -25.61 -1.28
CA TYR D 119 -26.09 -24.39 -2.09
C TYR D 119 -24.69 -24.32 -2.69
N ALA D 120 -23.69 -24.68 -1.93
CA ALA D 120 -22.32 -24.57 -2.45
C ALA D 120 -22.11 -25.61 -3.56
N THR D 121 -22.50 -26.85 -3.30
CA THR D 121 -22.41 -27.90 -4.31
C THR D 121 -23.01 -27.46 -5.61
N GLU D 122 -24.22 -26.97 -5.60
CA GLU D 122 -24.81 -26.44 -6.84
C GLU D 122 -24.04 -25.30 -7.42
N THR D 123 -23.66 -24.35 -6.58
CA THR D 123 -23.02 -23.12 -7.05
C THR D 123 -21.67 -23.41 -7.74
N PHE D 124 -20.95 -24.38 -7.19
CA PHE D 124 -19.69 -24.81 -7.80
C PHE D 124 -19.80 -26.01 -8.75
N LYS D 125 -20.98 -26.39 -9.16
CA LYS D 125 -21.10 -27.65 -9.92
C LYS D 125 -20.20 -27.73 -11.17
N SER D 126 -19.96 -26.60 -11.81
CA SER D 126 -19.14 -26.49 -13.01
C SER D 126 -17.69 -26.14 -12.76
N ILE D 127 -17.21 -26.43 -11.58
CA ILE D 127 -15.87 -26.12 -11.27
C ILE D 127 -15.32 -27.37 -10.67
N SER D 128 -14.09 -27.73 -11.02
CA SER D 128 -13.53 -28.86 -10.33
C SER D 128 -12.77 -28.48 -9.15
N ASP D 129 -12.72 -29.48 -8.30
CA ASP D 129 -12.00 -29.44 -7.08
C ASP D 129 -10.60 -28.98 -7.35
N GLU D 130 -10.01 -29.39 -8.48
CA GLU D 130 -8.61 -29.09 -8.71
C GLU D 130 -8.38 -27.65 -9.17
N GLU D 131 -9.43 -26.88 -9.49
CA GLU D 131 -9.23 -25.42 -9.78
C GLU D 131 -9.30 -24.54 -8.53
N LEU D 132 -9.79 -25.08 -7.42
CA LEU D 132 -9.97 -24.25 -6.24
C LEU D 132 -8.71 -23.65 -5.75
N PRO D 133 -7.59 -24.37 -5.87
CA PRO D 133 -6.35 -23.78 -5.38
C PRO D 133 -5.79 -22.66 -6.27
N LEU D 134 -6.07 -22.70 -7.56
CA LEU D 134 -5.58 -21.61 -8.44
C LEU D 134 -6.40 -20.36 -8.01
N PHE D 135 -7.71 -20.58 -8.06
CA PHE D 135 -8.73 -19.61 -7.67
C PHE D 135 -8.45 -18.91 -6.36
N THR D 136 -8.39 -19.70 -5.32
CA THR D 136 -7.99 -19.28 -3.97
C THR D 136 -6.62 -18.61 -3.85
N ASP D 137 -5.66 -19.09 -4.65
CA ASP D 137 -4.35 -18.53 -4.58
C ASP D 137 -4.36 -17.16 -5.23
N ILE D 138 -5.09 -17.03 -6.33
CA ILE D 138 -5.19 -15.69 -7.00
C ILE D 138 -5.84 -14.68 -6.04
N LEU D 139 -6.89 -15.13 -5.39
CA LEU D 139 -7.60 -14.30 -4.41
C LEU D 139 -6.72 -13.88 -3.30
N ASP D 140 -5.92 -14.82 -2.78
CA ASP D 140 -4.95 -14.46 -1.73
C ASP D 140 -4.02 -13.39 -2.22
N ARG D 141 -3.64 -13.43 -3.49
CA ARG D 141 -2.70 -12.47 -4.03
C ARG D 141 -3.28 -11.10 -4.36
N ILE D 142 -4.52 -11.11 -4.83
CA ILE D 142 -5.27 -9.86 -5.05
C ILE D 142 -5.19 -9.00 -3.76
N GLY D 143 -4.37 -7.95 -3.87
CA GLY D 143 -4.06 -7.02 -2.78
C GLY D 143 -2.56 -6.73 -2.65
#